data_6EWK
#
_entry.id   6EWK
#
_cell.length_a   111.520
_cell.length_b   111.520
_cell.length_c   136.640
_cell.angle_alpha   90.00
_cell.angle_beta   90.00
_cell.angle_gamma   120.00
#
_symmetry.space_group_name_H-M   'P 31 2 1'
#
loop_
_entity.id
_entity.type
_entity.pdbx_description
1 polymer Acetylcholinesterase
2 non-polymer 2-acetamido-2-deoxy-beta-D-glucopyranose
3 non-polymer 2-[(~{E})-hydroxyiminomethyl]-6-(5-morpholin-4-ylpentyl)pyridin-3-ol
4 non-polymer 'PENTAETHYLENE GLYCOL'
5 water water
#
_entity_poly.entity_id   1
_entity_poly.type   'polypeptide(L)'
_entity_poly.pdbx_seq_one_letter_code
;SELLVNTKSGKVMGTRVPVLSSHISAFLGIPFAEPPVGNMRFRRPEPKKPWSGVWNASTYPNNCQQYVDEQFPGFSGSEM
WNPNREMSEDCLYLNIWVPSPRPKSTTVMVWIYGGGFYSGSSTLDVYNGKYLAYTEEVVLVSLSYRVGAFGFLALHGSQE
APGNVGLLDQRMALQWVHDNIQFFGGDPKTVTIFGESAGGASVGMHILSPGSRDLFRRAILQSGSPNCPWASVSVAEGRR
RAVELGRNLNCNLNSDEELIHCLREKKPQELIDVEWNVLPFDSIFRFSFVPVIDGEFFPTSLESMLNSGNFKKTQILLGV
NKDEGSFFLLYGAPGFSKDSESKISREDFMSGVKLSVPHANDLGLDAVTLQYTDWMDDNNGIKNRDGLDDIVGDHNVICP
LMHFVNKYTKFGNGTYLYFFNHRASNLVWPEWMGVIHGYEIEFVFGLPLVKELNYTAEEEALSRRIMHYWATFAKTGNPN
EPHSQESKWPLFTTKEQKFIDLNTEPMKVHQRLRVQMCVFWNQFLPKLLNAT
;
_entity_poly.pdbx_strand_id   A
#
loop_
_chem_comp.id
_chem_comp.type
_chem_comp.name
_chem_comp.formula
1PE non-polymer 'PENTAETHYLENE GLYCOL' 'C10 H22 O6'
NAG D-saccharide, beta linking 2-acetamido-2-deoxy-beta-D-glucopyranose 'C8 H15 N O6'
RM0 non-polymer 2-[(~{E})-hydroxyiminomethyl]-6-(5-morpholin-4-ylpentyl)pyridin-3-ol 'C15 H23 N3 O3'
#
# COMPACT_ATOMS: atom_id res chain seq x y z
N SER A 1 -11.83 -11.40 -31.96
CA SER A 1 -12.49 -10.31 -31.26
C SER A 1 -11.57 -9.58 -30.29
N GLU A 2 -11.80 -8.27 -30.17
CA GLU A 2 -11.00 -7.45 -29.26
C GLU A 2 -11.21 -7.83 -27.79
N LEU A 3 -12.40 -8.35 -27.45
CA LEU A 3 -12.68 -8.71 -26.07
C LEU A 3 -12.29 -10.15 -25.75
N LEU A 4 -11.75 -10.87 -26.69
CA LEU A 4 -11.34 -12.23 -26.42
C LEU A 4 -9.85 -12.41 -26.49
N VAL A 5 -9.29 -12.94 -25.43
CA VAL A 5 -7.88 -13.12 -25.34
C VAL A 5 -7.45 -14.51 -24.95
N ASN A 6 -6.52 -15.07 -25.70
CA ASN A 6 -6.02 -16.41 -25.40
C ASN A 6 -4.74 -16.29 -24.59
N THR A 7 -4.75 -16.86 -23.39
CA THR A 7 -3.60 -16.83 -22.49
C THR A 7 -3.10 -18.25 -22.27
N LYS A 8 -1.95 -18.34 -21.62
CA LYS A 8 -1.36 -19.62 -21.31
C LYS A 8 -2.21 -20.43 -20.35
N SER A 9 -3.13 -19.77 -19.63
CA SER A 9 -4.05 -20.44 -18.72
C SER A 9 -5.42 -20.73 -19.34
N GLY A 10 -5.71 -20.16 -20.51
CA GLY A 10 -6.98 -20.35 -21.17
C GLY A 10 -7.48 -19.06 -21.78
N LYS A 11 -8.61 -19.12 -22.48
CA LYS A 11 -9.20 -17.92 -23.06
C LYS A 11 -10.00 -17.14 -22.02
N VAL A 12 -10.06 -15.82 -22.20
CA VAL A 12 -10.82 -14.93 -21.34
C VAL A 12 -11.62 -13.99 -22.23
N MET A 13 -12.83 -13.65 -21.79
CA MET A 13 -13.71 -12.74 -22.51
C MET A 13 -13.94 -11.51 -21.64
N GLY A 14 -13.45 -10.36 -22.10
CA GLY A 14 -13.64 -9.11 -21.41
C GLY A 14 -14.95 -8.43 -21.75
N THR A 15 -15.03 -7.15 -21.40
CA THR A 15 -16.21 -6.35 -21.65
C THR A 15 -15.79 -4.95 -22.06
N ARG A 16 -16.52 -4.42 -23.01
CA ARG A 16 -16.33 -2.97 -23.35
CA ARG A 16 -16.29 -3.00 -23.37
C ARG A 16 -16.92 -1.88 -22.38
N VAL A 17 -16.09 -1.10 -21.82
CA VAL A 17 -16.57 -0.19 -20.78
C VAL A 17 -16.43 1.24 -21.28
N PRO A 18 -17.40 2.10 -20.99
CA PRO A 18 -17.25 3.51 -21.35
C PRO A 18 -16.26 4.20 -20.42
N VAL A 19 -15.61 5.22 -20.96
CA VAL A 19 -14.66 6.01 -20.19
C VAL A 19 -14.48 7.34 -20.90
N LEU A 20 -14.92 8.42 -20.25
CA LEU A 20 -14.70 9.77 -20.74
C LEU A 20 -15.19 9.92 -22.19
N SER A 21 -16.44 9.50 -22.41
CA SER A 21 -17.09 9.58 -23.72
C SER A 21 -16.33 8.77 -24.80
N SER A 22 -15.61 7.75 -24.39
CA SER A 22 -14.99 6.79 -25.30
C SER A 22 -15.16 5.41 -24.66
N HIS A 23 -14.38 4.44 -25.12
CA HIS A 23 -14.50 3.07 -24.62
C HIS A 23 -13.13 2.40 -24.64
N ILE A 24 -12.94 1.45 -23.71
CA ILE A 24 -11.80 0.54 -23.70
C ILE A 24 -12.29 -0.84 -23.25
N SER A 25 -11.36 -1.79 -23.26
CA SER A 25 -11.66 -3.18 -22.90
C SER A 25 -11.25 -3.38 -21.45
N ALA A 26 -12.06 -4.17 -20.72
CA ALA A 26 -11.76 -4.53 -19.34
C ALA A 26 -11.84 -6.03 -19.22
N PHE A 27 -10.85 -6.63 -18.56
CA PHE A 27 -10.82 -8.06 -18.27
C PHE A 27 -10.79 -8.19 -16.75
N LEU A 28 -11.95 -8.43 -16.15
CA LEU A 28 -12.13 -8.36 -14.71
C LEU A 28 -12.24 -9.76 -14.11
N GLY A 29 -11.56 -9.94 -12.98
CA GLY A 29 -11.65 -11.20 -12.26
C GLY A 29 -10.99 -12.38 -12.94
N ILE A 30 -9.81 -12.18 -13.53
CA ILE A 30 -9.05 -13.32 -14.06
C ILE A 30 -8.35 -14.02 -12.90
N PRO A 31 -8.51 -15.33 -12.74
CA PRO A 31 -7.80 -16.05 -11.68
C PRO A 31 -6.32 -16.21 -12.00
N PHE A 32 -5.48 -16.02 -10.98
CA PHE A 32 -4.06 -16.27 -11.16
C PHE A 32 -3.52 -17.32 -10.20
N ALA A 33 -4.37 -17.87 -9.34
CA ALA A 33 -3.95 -18.90 -8.41
C ALA A 33 -5.12 -19.82 -8.17
N GLU A 34 -4.84 -20.98 -7.58
CA GLU A 34 -5.91 -21.81 -7.06
C GLU A 34 -6.55 -21.13 -5.84
N PRO A 35 -7.85 -21.29 -5.64
CA PRO A 35 -8.50 -20.71 -4.44
C PRO A 35 -7.85 -21.25 -3.17
N PRO A 36 -7.35 -20.39 -2.35
CA PRO A 36 -6.60 -20.81 -1.15
C PRO A 36 -7.52 -21.17 0.01
N VAL A 37 -8.41 -22.12 -0.23
CA VAL A 37 -9.49 -22.42 0.70
C VAL A 37 -9.21 -23.78 1.35
N GLY A 38 -9.92 -24.02 2.46
CA GLY A 38 -9.84 -25.33 3.10
C GLY A 38 -8.47 -25.59 3.67
N ASN A 39 -7.95 -26.80 3.41
CA ASN A 39 -6.60 -27.16 3.80
CA ASN A 39 -6.57 -27.24 3.85
C ASN A 39 -5.52 -26.25 3.21
N MET A 40 -5.86 -25.40 2.24
CA MET A 40 -4.88 -24.48 1.71
C MET A 40 -4.84 -23.14 2.44
N ARG A 41 -5.77 -22.87 3.35
CA ARG A 41 -5.71 -21.63 4.11
C ARG A 41 -4.37 -21.54 4.82
N PHE A 42 -3.75 -20.37 4.75
CA PHE A 42 -2.44 -20.02 5.29
C PHE A 42 -1.28 -20.54 4.43
N ARG A 43 -1.53 -21.37 3.41
CA ARG A 43 -0.46 -21.92 2.58
C ARG A 43 -0.03 -20.97 1.46
N ARG A 44 1.19 -21.18 0.97
CA ARG A 44 1.62 -20.49 -0.24
C ARG A 44 0.61 -20.71 -1.35
N PRO A 45 0.37 -19.72 -2.21
CA PRO A 45 -0.58 -19.92 -3.31
C PRO A 45 -0.06 -20.98 -4.28
N GLU A 46 -1.04 -21.73 -4.93
CA GLU A 46 -0.63 -22.55 -6.07
C GLU A 46 -1.07 -21.88 -7.37
N PRO A 47 -0.37 -22.10 -8.47
CA PRO A 47 -0.81 -21.51 -9.74
C PRO A 47 -2.13 -22.10 -10.18
N LYS A 48 -2.91 -21.28 -10.89
CA LYS A 48 -4.23 -21.69 -11.35
C LYS A 48 -4.10 -22.77 -12.42
N LYS A 49 -4.81 -23.90 -12.24
CA LYS A 49 -4.86 -24.91 -13.29
C LYS A 49 -5.52 -24.30 -14.53
N PRO A 50 -4.92 -24.43 -15.71
CA PRO A 50 -5.56 -23.92 -16.93
C PRO A 50 -6.95 -24.51 -17.11
N TRP A 51 -7.81 -23.74 -17.77
CA TRP A 51 -9.21 -24.09 -17.93
C TRP A 51 -9.55 -24.27 -19.41
N SER A 52 -10.56 -25.09 -19.66
CA SER A 52 -11.17 -25.18 -20.98
C SER A 52 -12.24 -24.11 -21.13
N GLY A 53 -12.68 -23.90 -22.36
CA GLY A 53 -13.72 -22.93 -22.55
C GLY A 53 -13.21 -21.51 -22.38
N VAL A 54 -14.16 -20.60 -22.26
CA VAL A 54 -13.90 -19.17 -22.20
C VAL A 54 -14.24 -18.66 -20.80
N TRP A 55 -13.26 -18.07 -20.13
CA TRP A 55 -13.50 -17.52 -18.81
C TRP A 55 -14.19 -16.17 -18.96
N ASN A 56 -15.35 -16.03 -18.30
CA ASN A 56 -16.15 -14.82 -18.34
C ASN A 56 -15.46 -13.78 -17.45
N ALA A 57 -14.79 -12.81 -18.05
CA ALA A 57 -14.06 -11.77 -17.34
C ALA A 57 -14.76 -10.42 -17.48
N SER A 58 -16.07 -10.44 -17.38
CA SER A 58 -16.87 -9.24 -17.50
C SER A 58 -17.24 -8.58 -16.20
N THR A 59 -17.00 -9.25 -15.11
CA THR A 59 -17.36 -8.73 -13.82
C THR A 59 -16.26 -8.81 -12.75
N TYR A 60 -16.27 -7.87 -11.83
CA TYR A 60 -15.32 -7.78 -10.75
C TYR A 60 -15.37 -9.03 -9.87
N PRO A 61 -14.24 -9.45 -9.35
CA PRO A 61 -14.23 -10.65 -8.51
C PRO A 61 -14.62 -10.36 -7.06
N ASN A 62 -14.71 -11.41 -6.24
CA ASN A 62 -14.84 -11.25 -4.80
C ASN A 62 -13.62 -10.53 -4.23
N ASN A 63 -13.82 -9.86 -3.09
CA ASN A 63 -12.72 -9.32 -2.31
C ASN A 63 -12.30 -10.32 -1.23
N CYS A 64 -11.05 -10.22 -0.80
CA CYS A 64 -10.58 -11.13 0.23
C CYS A 64 -11.25 -10.81 1.58
N GLN A 65 -11.28 -11.84 2.44
CA GLN A 65 -11.89 -11.70 3.74
C GLN A 65 -11.09 -10.72 4.59
N GLN A 66 -11.78 -9.75 5.19
CA GLN A 66 -11.12 -8.66 5.91
C GLN A 66 -12.07 -8.05 6.94
N TYR A 67 -11.45 -7.43 7.96
CA TYR A 67 -12.18 -6.54 8.84
C TYR A 67 -12.79 -5.41 8.03
N VAL A 68 -14.03 -5.04 8.35
CA VAL A 68 -14.78 -4.04 7.61
C VAL A 68 -15.00 -2.84 8.51
N ASP A 69 -14.71 -1.65 7.98
CA ASP A 69 -14.84 -0.40 8.73
C ASP A 69 -16.31 -0.03 8.87
N GLU A 70 -16.81 -0.03 10.10
CA GLU A 70 -18.16 0.42 10.39
C GLU A 70 -18.16 1.65 11.30
N GLN A 71 -17.02 2.32 11.44
CA GLN A 71 -16.92 3.42 12.38
C GLN A 71 -17.86 4.57 12.02
N PHE A 72 -18.20 4.74 10.74
CA PHE A 72 -19.05 5.84 10.28
C PHE A 72 -20.06 5.34 9.25
N PRO A 73 -21.11 4.65 9.70
CA PRO A 73 -22.06 4.02 8.76
C PRO A 73 -22.70 5.05 7.83
N GLY A 74 -22.72 4.72 6.54
CA GLY A 74 -23.24 5.60 5.53
C GLY A 74 -22.31 6.69 5.08
N PHE A 75 -21.18 6.89 5.76
CA PHE A 75 -20.28 7.98 5.43
C PHE A 75 -19.34 7.54 4.31
N SER A 76 -19.34 8.28 3.21
CA SER A 76 -18.61 7.83 2.03
C SER A 76 -17.11 7.90 2.25
N GLY A 77 -16.65 8.79 3.13
CA GLY A 77 -15.22 8.91 3.37
C GLY A 77 -14.59 7.60 3.78
N SER A 78 -15.26 6.83 4.63
CA SER A 78 -14.74 5.56 5.11
C SER A 78 -15.21 4.38 4.27
N GLU A 79 -16.45 4.40 3.78
CA GLU A 79 -17.01 3.22 3.12
C GLU A 79 -16.49 3.06 1.70
N MET A 80 -16.02 4.13 1.06
CA MET A 80 -15.37 3.98 -0.24
C MET A 80 -14.13 3.10 -0.18
N TRP A 81 -13.60 2.83 1.03
CA TRP A 81 -12.47 1.93 1.20
C TRP A 81 -12.88 0.51 1.54
N ASN A 82 -14.11 0.30 1.95
CA ASN A 82 -14.60 -1.03 2.33
C ASN A 82 -14.79 -1.91 1.10
N PRO A 83 -14.81 -3.22 1.29
CA PRO A 83 -15.13 -4.11 0.17
C PRO A 83 -16.48 -3.74 -0.45
N ASN A 84 -16.49 -3.65 -1.77
CA ASN A 84 -17.66 -3.33 -2.57
C ASN A 84 -18.34 -4.40 -3.44
N ARG A 85 -17.94 -5.63 -3.27
CA ARG A 85 -18.07 -7.12 -3.60
CA ARG A 85 -18.10 -7.05 -3.62
C ARG A 85 -18.13 -8.11 -2.37
N GLU A 86 -18.83 -9.22 -2.56
CA GLU A 86 -18.86 -10.18 -1.53
C GLU A 86 -17.49 -10.63 -1.13
N MET A 87 -17.28 -10.83 0.14
CA MET A 87 -16.04 -11.32 0.62
C MET A 87 -16.00 -12.82 0.47
N SER A 88 -14.83 -13.36 0.21
CA SER A 88 -14.62 -14.80 0.07
C SER A 88 -13.15 -15.11 0.21
N GLU A 89 -12.84 -16.27 0.78
CA GLU A 89 -11.46 -16.72 0.72
C GLU A 89 -11.04 -17.01 -0.72
N ASP A 90 -12.00 -17.26 -1.60
CA ASP A 90 -11.73 -17.42 -3.03
C ASP A 90 -11.66 -16.03 -3.63
N CYS A 91 -10.46 -15.45 -3.60
CA CYS A 91 -10.32 -14.04 -3.94
C CYS A 91 -9.04 -13.73 -4.73
N LEU A 92 -8.29 -14.72 -5.19
CA LEU A 92 -7.03 -14.43 -5.86
C LEU A 92 -7.29 -14.23 -7.35
N TYR A 93 -7.63 -12.98 -7.71
CA TYR A 93 -7.94 -12.60 -9.08
C TYR A 93 -7.23 -11.30 -9.41
N LEU A 94 -7.10 -11.01 -10.70
CA LEU A 94 -6.58 -9.73 -11.14
C LEU A 94 -7.49 -9.14 -12.22
N ASN A 95 -7.32 -7.85 -12.47
CA ASN A 95 -8.14 -7.10 -13.43
C ASN A 95 -7.22 -6.32 -14.36
N ILE A 96 -7.56 -6.29 -15.66
CA ILE A 96 -6.76 -5.59 -16.66
C ILE A 96 -7.64 -4.63 -17.45
N TRP A 97 -7.21 -3.38 -17.54
CA TRP A 97 -7.78 -2.42 -18.48
C TRP A 97 -6.86 -2.25 -19.68
N VAL A 98 -7.42 -2.38 -20.89
CA VAL A 98 -6.63 -2.41 -22.11
C VAL A 98 -7.14 -1.35 -23.08
N PRO A 99 -6.30 -0.43 -23.55
CA PRO A 99 -6.72 0.54 -24.56
C PRO A 99 -7.36 -0.09 -25.79
N SER A 100 -8.17 0.70 -26.47
CA SER A 100 -8.85 0.27 -27.68
C SER A 100 -8.53 1.21 -28.83
N PRO A 101 -8.03 0.67 -29.95
CA PRO A 101 -7.81 -0.76 -30.23
C PRO A 101 -6.68 -1.35 -29.39
N ARG A 102 -6.63 -2.68 -29.31
CA ARG A 102 -5.66 -3.35 -28.47
C ARG A 102 -4.25 -2.94 -28.89
N PRO A 103 -3.41 -2.46 -27.98
CA PRO A 103 -2.02 -2.17 -28.34
C PRO A 103 -1.26 -3.44 -28.66
N LYS A 104 -0.11 -3.26 -29.26
CA LYS A 104 0.75 -4.35 -29.59
C LYS A 104 1.74 -4.70 -28.48
N SER A 105 2.44 -3.71 -27.96
CA SER A 105 3.43 -3.93 -26.93
C SER A 105 3.64 -2.66 -26.15
N THR A 106 2.76 -2.40 -25.20
CA THR A 106 2.80 -1.18 -24.45
C THR A 106 3.15 -1.28 -22.96
N THR A 107 3.48 -0.15 -22.39
CA THR A 107 3.83 -0.02 -21.01
C THR A 107 2.73 -0.57 -20.10
N VAL A 108 3.13 -1.32 -19.09
CA VAL A 108 2.23 -1.98 -18.16
C VAL A 108 2.46 -1.43 -16.76
N MET A 109 1.37 -1.13 -16.06
CA MET A 109 1.39 -0.71 -14.66
C MET A 109 0.51 -1.64 -13.84
N VAL A 110 1.07 -2.18 -12.75
CA VAL A 110 0.39 -3.14 -11.89
C VAL A 110 0.17 -2.50 -10.53
N TRP A 111 -1.11 -2.31 -10.15
CA TRP A 111 -1.49 -1.67 -8.90
C TRP A 111 -1.61 -2.70 -7.78
N ILE A 112 -0.96 -2.41 -6.66
CA ILE A 112 -1.07 -3.21 -5.44
C ILE A 112 -1.74 -2.36 -4.35
N TYR A 113 -2.93 -2.78 -3.89
CA TYR A 113 -3.68 -1.97 -2.94
C TYR A 113 -3.08 -2.03 -1.54
N GLY A 114 -3.31 -0.97 -0.80
CA GLY A 114 -2.93 -0.84 0.56
C GLY A 114 -4.03 -1.29 1.50
N GLY A 115 -3.84 -0.99 2.75
CA GLY A 115 -4.73 -1.33 3.81
C GLY A 115 -4.11 -2.02 4.99
N GLY A 116 -2.90 -1.65 5.36
CA GLY A 116 -2.25 -2.19 6.55
C GLY A 116 -2.06 -3.70 6.57
N PHE A 117 -2.10 -4.35 5.41
CA PHE A 117 -2.02 -5.81 5.30
C PHE A 117 -3.19 -6.50 6.00
N TYR A 118 -4.14 -5.74 6.55
CA TYR A 118 -5.32 -6.36 7.14
C TYR A 118 -6.58 -6.15 6.31
N SER A 119 -6.51 -5.36 5.24
CA SER A 119 -7.69 -5.03 4.47
C SER A 119 -7.26 -4.60 3.08
N GLY A 120 -8.25 -4.40 2.21
CA GLY A 120 -8.02 -3.85 0.89
C GLY A 120 -8.74 -4.62 -0.21
N SER A 121 -9.01 -3.95 -1.32
CA SER A 121 -9.78 -4.52 -2.41
C SER A 121 -9.26 -3.95 -3.71
N SER A 122 -9.23 -4.78 -4.74
CA SER A 122 -8.79 -4.32 -6.05
C SER A 122 -9.91 -3.63 -6.80
N THR A 123 -11.12 -3.66 -6.24
CA THR A 123 -12.34 -3.33 -6.97
C THR A 123 -12.91 -1.98 -6.58
N LEU A 124 -12.23 -1.23 -5.71
CA LEU A 124 -12.72 0.06 -5.24
C LEU A 124 -12.86 1.04 -6.39
N ASP A 125 -13.89 1.89 -6.30
CA ASP A 125 -14.11 2.96 -7.27
C ASP A 125 -12.84 3.77 -7.51
N VAL A 126 -12.07 4.01 -6.45
CA VAL A 126 -10.90 4.87 -6.56
C VAL A 126 -9.72 4.16 -7.21
N TYR A 127 -9.83 2.85 -7.44
CA TYR A 127 -8.79 2.09 -8.14
C TYR A 127 -9.21 1.71 -9.56
N ASN A 128 -10.29 2.29 -10.07
CA ASN A 128 -10.76 1.94 -11.41
C ASN A 128 -9.72 2.32 -12.46
N GLY A 129 -9.12 1.31 -13.11
CA GLY A 129 -8.03 1.57 -14.02
C GLY A 129 -8.38 2.20 -15.36
N LYS A 130 -9.67 2.37 -15.66
CA LYS A 130 -10.06 2.77 -17.00
C LYS A 130 -9.60 4.19 -17.35
N TYR A 131 -9.55 5.11 -16.39
CA TYR A 131 -9.13 6.47 -16.73
C TYR A 131 -7.64 6.53 -17.03
N LEU A 132 -6.84 5.84 -16.25
CA LEU A 132 -5.41 5.85 -16.47
C LEU A 132 -5.06 5.11 -17.75
N ALA A 133 -5.64 3.92 -17.95
CA ALA A 133 -5.38 3.17 -19.17
C ALA A 133 -5.78 3.98 -20.40
N TYR A 134 -6.95 4.61 -20.34
CA TYR A 134 -7.43 5.36 -21.50
C TYR A 134 -6.57 6.60 -21.76
N THR A 135 -6.35 7.42 -20.72
CA THR A 135 -5.67 8.69 -20.90
C THR A 135 -4.22 8.51 -21.32
N GLU A 136 -3.51 7.57 -20.70
CA GLU A 136 -2.08 7.44 -20.90
C GLU A 136 -1.70 6.28 -21.82
N GLU A 137 -2.69 5.50 -22.26
CA GLU A 137 -2.47 4.39 -23.18
C GLU A 137 -1.50 3.38 -22.60
N VAL A 138 -1.71 3.04 -21.34
CA VAL A 138 -1.01 1.95 -20.68
C VAL A 138 -1.98 0.79 -20.52
N VAL A 139 -1.43 -0.40 -20.36
CA VAL A 139 -2.18 -1.55 -19.87
C VAL A 139 -2.11 -1.52 -18.34
N LEU A 140 -3.27 -1.33 -17.71
CA LEU A 140 -3.35 -1.16 -16.26
C LEU A 140 -3.82 -2.48 -15.64
N VAL A 141 -3.01 -3.03 -14.73
CA VAL A 141 -3.37 -4.23 -13.99
C VAL A 141 -3.56 -3.87 -12.52
N SER A 142 -4.59 -4.44 -11.89
CA SER A 142 -4.66 -4.45 -10.43
C SER A 142 -4.75 -5.90 -9.96
N LEU A 143 -3.87 -6.28 -9.04
CA LEU A 143 -3.89 -7.62 -8.47
C LEU A 143 -4.61 -7.62 -7.12
N SER A 144 -4.68 -8.79 -6.51
CA SER A 144 -5.24 -8.93 -5.19
C SER A 144 -4.35 -9.90 -4.43
N TYR A 145 -4.53 -9.93 -3.11
CA TYR A 145 -3.72 -10.78 -2.25
C TYR A 145 -4.43 -10.94 -0.92
N ARG A 146 -4.17 -12.08 -0.26
CA ARG A 146 -4.78 -12.34 1.03
C ARG A 146 -4.25 -11.37 2.09
N VAL A 147 -5.16 -10.83 2.88
CA VAL A 147 -4.79 -9.97 4.00
C VAL A 147 -5.19 -10.65 5.30
N GLY A 148 -5.02 -9.92 6.42
CA GLY A 148 -5.31 -10.49 7.73
C GLY A 148 -4.48 -11.73 8.04
N ALA A 149 -5.00 -12.54 8.96
CA ALA A 149 -4.37 -13.83 9.23
C ALA A 149 -4.31 -14.69 7.97
N PHE A 150 -5.30 -14.59 7.08
CA PHE A 150 -5.34 -15.42 5.89
C PHE A 150 -4.11 -15.21 5.00
N GLY A 151 -3.50 -14.03 5.07
CA GLY A 151 -2.37 -13.72 4.23
C GLY A 151 -1.05 -13.70 4.97
N PHE A 152 -1.11 -13.53 6.30
CA PHE A 152 0.14 -13.24 7.00
C PHE A 152 0.31 -13.95 8.34
N LEU A 153 -0.57 -14.86 8.73
CA LEU A 153 -0.30 -15.70 9.90
C LEU A 153 1.02 -16.42 9.72
N ALA A 154 1.92 -16.29 10.70
CA ALA A 154 3.29 -16.77 10.52
C ALA A 154 3.71 -17.68 11.66
N LEU A 155 3.84 -18.98 11.37
CA LEU A 155 4.41 -19.96 12.28
C LEU A 155 5.70 -20.48 11.64
N HIS A 156 6.77 -19.70 11.76
CA HIS A 156 8.03 -20.02 11.10
C HIS A 156 8.49 -21.42 11.46
N GLY A 157 8.99 -22.14 10.45
CA GLY A 157 9.34 -23.52 10.58
C GLY A 157 8.29 -24.46 10.04
N SER A 158 7.04 -24.03 10.05
CA SER A 158 5.94 -24.80 9.49
C SER A 158 5.84 -24.51 8.00
N GLN A 159 5.51 -25.53 7.22
CA GLN A 159 5.24 -25.30 5.81
C GLN A 159 3.76 -25.11 5.56
N GLU A 160 2.92 -25.33 6.56
CA GLU A 160 1.48 -25.12 6.41
C GLU A 160 1.12 -23.65 6.60
N ALA A 161 1.81 -22.94 7.52
CA ALA A 161 1.58 -21.51 7.75
C ALA A 161 2.93 -20.83 7.90
N PRO A 162 3.67 -20.68 6.80
CA PRO A 162 5.03 -20.09 6.89
C PRO A 162 5.04 -18.59 7.08
N GLY A 163 3.94 -17.89 6.83
CA GLY A 163 3.96 -16.45 6.72
C GLY A 163 4.18 -15.98 5.29
N ASN A 164 3.98 -14.67 5.11
CA ASN A 164 4.30 -13.95 3.88
C ASN A 164 3.50 -14.43 2.67
N VAL A 165 2.46 -15.23 2.86
CA VAL A 165 1.83 -15.84 1.69
C VAL A 165 1.06 -14.81 0.89
N GLY A 166 0.60 -13.74 1.54
CA GLY A 166 0.04 -12.62 0.81
C GLY A 166 1.05 -11.93 -0.09
N LEU A 167 2.33 -11.91 0.32
CA LEU A 167 3.36 -11.38 -0.57
C LEU A 167 3.54 -12.32 -1.76
N LEU A 168 3.51 -13.63 -1.50
CA LEU A 168 3.59 -14.61 -2.58
C LEU A 168 2.34 -14.57 -3.47
N ASP A 169 1.16 -14.25 -2.91
CA ASP A 169 0.02 -13.97 -3.78
C ASP A 169 0.36 -12.86 -4.77
N GLN A 170 0.95 -11.78 -4.28
CA GLN A 170 1.30 -10.67 -5.15
C GLN A 170 2.30 -11.12 -6.21
N ARG A 171 3.30 -11.90 -5.79
CA ARG A 171 4.35 -12.35 -6.70
C ARG A 171 3.78 -13.24 -7.79
N MET A 172 2.81 -14.09 -7.44
CA MET A 172 2.23 -14.98 -8.44
C MET A 172 1.42 -14.19 -9.46
N ALA A 173 0.73 -13.14 -9.01
CA ALA A 173 0.10 -12.24 -9.97
C ALA A 173 1.15 -11.59 -10.86
N LEU A 174 2.29 -11.21 -10.29
CA LEU A 174 3.36 -10.63 -11.09
C LEU A 174 3.91 -11.66 -12.08
N GLN A 175 4.06 -12.90 -11.63
CA GLN A 175 4.47 -13.97 -12.53
C GLN A 175 3.46 -14.13 -13.66
N TRP A 176 2.18 -14.02 -13.34
CA TRP A 176 1.15 -14.19 -14.37
C TRP A 176 1.19 -13.05 -15.38
N VAL A 177 1.38 -11.82 -14.92
CA VAL A 177 1.55 -10.68 -15.83
C VAL A 177 2.78 -10.87 -16.70
N HIS A 178 3.88 -11.34 -16.10
CA HIS A 178 5.09 -11.58 -16.86
C HIS A 178 4.83 -12.61 -17.94
N ASP A 179 4.10 -13.66 -17.61
CA ASP A 179 3.88 -14.76 -18.55
C ASP A 179 2.81 -14.46 -19.58
N ASN A 180 1.87 -13.55 -19.30
CA ASN A 180 0.68 -13.47 -20.14
C ASN A 180 0.31 -12.07 -20.64
N ILE A 181 0.91 -11.01 -20.13
CA ILE A 181 0.41 -9.69 -20.51
C ILE A 181 0.67 -9.40 -21.99
N GLN A 182 1.64 -10.08 -22.62
CA GLN A 182 1.90 -9.87 -24.05
C GLN A 182 0.63 -10.10 -24.88
N PHE A 183 -0.22 -11.03 -24.46
CA PHE A 183 -1.44 -11.33 -25.21
C PHE A 183 -2.47 -10.21 -25.09
N PHE A 184 -2.36 -9.35 -24.09
CA PHE A 184 -3.25 -8.22 -23.94
C PHE A 184 -2.67 -6.96 -24.56
N GLY A 185 -1.55 -7.07 -25.26
CA GLY A 185 -0.86 -5.91 -25.78
C GLY A 185 0.11 -5.27 -24.82
N GLY A 186 0.30 -5.85 -23.63
CA GLY A 186 1.28 -5.34 -22.71
C GLY A 186 2.68 -5.83 -23.04
N ASP A 187 3.66 -5.02 -22.69
CA ASP A 187 5.05 -5.36 -22.89
C ASP A 187 5.62 -5.88 -21.58
N PRO A 188 5.87 -7.19 -21.45
CA PRO A 188 6.33 -7.73 -20.16
C PRO A 188 7.71 -7.25 -19.74
N LYS A 189 8.45 -6.55 -20.60
CA LYS A 189 9.75 -6.04 -20.19
C LYS A 189 9.68 -4.60 -19.73
N THR A 190 8.49 -4.00 -19.71
CA THR A 190 8.28 -2.65 -19.19
C THR A 190 7.08 -2.64 -18.23
N VAL A 191 7.18 -3.41 -17.15
CA VAL A 191 6.15 -3.47 -16.11
C VAL A 191 6.58 -2.62 -14.92
N THR A 192 5.76 -1.64 -14.56
CA THR A 192 5.93 -0.86 -13.35
C THR A 192 4.94 -1.36 -12.30
N ILE A 193 5.45 -1.76 -11.13
CA ILE A 193 4.55 -2.00 -10.00
C ILE A 193 4.41 -0.72 -9.19
N PHE A 194 3.17 -0.42 -8.79
CA PHE A 194 2.93 0.72 -7.90
C PHE A 194 1.84 0.38 -6.89
N GLY A 195 1.92 1.02 -5.73
CA GLY A 195 1.00 0.77 -4.65
C GLY A 195 1.10 1.85 -3.59
N GLU A 196 0.09 1.93 -2.77
CA GLU A 196 0.05 2.92 -1.72
C GLU A 196 -0.02 2.25 -0.36
N SER A 197 0.64 2.84 0.61
CA SER A 197 0.64 2.34 1.96
C SER A 197 1.20 0.92 2.03
N ALA A 198 0.45 -0.03 2.52
CA ALA A 198 0.92 -1.37 2.59
C ALA A 198 1.28 -1.79 1.17
N GLY A 199 0.63 -1.23 0.17
CA GLY A 199 0.98 -1.57 -1.20
C GLY A 199 2.29 -0.94 -1.62
N GLY A 200 2.60 0.25 -1.09
CA GLY A 200 3.91 0.83 -1.30
C GLY A 200 4.99 0.07 -0.59
N ALA A 201 4.74 -0.33 0.66
CA ALA A 201 5.67 -1.22 1.34
C ALA A 201 5.83 -2.53 0.58
N SER A 202 4.73 -3.07 0.07
CA SER A 202 4.79 -4.27 -0.76
C SER A 202 5.72 -4.08 -1.94
N VAL A 203 5.57 -2.97 -2.67
CA VAL A 203 6.45 -2.68 -3.79
C VAL A 203 7.90 -2.69 -3.34
N GLY A 204 8.20 -2.00 -2.25
CA GLY A 204 9.56 -2.04 -1.71
C GLY A 204 10.01 -3.43 -1.35
N MET A 205 9.08 -4.26 -0.86
CA MET A 205 9.45 -5.63 -0.49
C MET A 205 9.78 -6.48 -1.71
N HIS A 206 9.09 -6.26 -2.84
CA HIS A 206 9.45 -7.00 -4.04
C HIS A 206 10.76 -6.50 -4.63
N ILE A 207 11.10 -5.23 -4.39
CA ILE A 207 12.41 -4.70 -4.77
C ILE A 207 13.50 -5.43 -3.99
N LEU A 208 13.23 -5.74 -2.71
CA LEU A 208 14.25 -6.35 -1.85
C LEU A 208 14.33 -7.86 -2.05
N SER A 209 13.19 -8.53 -2.21
CA SER A 209 13.17 -9.98 -2.23
C SER A 209 13.80 -10.53 -3.50
N PRO A 210 14.85 -11.35 -3.41
CA PRO A 210 15.45 -11.92 -4.63
C PRO A 210 14.46 -12.71 -5.48
N GLY A 211 13.48 -13.37 -4.84
CA GLY A 211 12.48 -14.11 -5.60
C GLY A 211 11.50 -13.25 -6.39
N SER A 212 11.51 -11.93 -6.19
CA SER A 212 10.54 -11.06 -6.87
C SER A 212 11.17 -10.12 -7.88
N ARG A 213 12.47 -9.80 -7.73
CA ARG A 213 13.10 -8.73 -8.50
C ARG A 213 12.95 -8.88 -10.00
N ASP A 214 12.93 -10.11 -10.49
CA ASP A 214 13.03 -10.26 -11.94
C ASP A 214 11.69 -10.08 -12.63
N LEU A 215 10.61 -9.88 -11.87
CA LEU A 215 9.27 -9.89 -12.43
C LEU A 215 8.73 -8.50 -12.75
N PHE A 216 9.57 -7.47 -12.67
CA PHE A 216 9.10 -6.14 -13.01
C PHE A 216 10.30 -5.27 -13.35
N ARG A 217 10.02 -4.15 -14.03
CA ARG A 217 11.07 -3.27 -14.50
C ARG A 217 11.39 -2.16 -13.51
N ARG A 218 10.37 -1.43 -13.04
CA ARG A 218 10.59 -0.29 -12.16
C ARG A 218 9.39 -0.16 -11.22
N ALA A 219 9.47 0.80 -10.31
CA ALA A 219 8.62 0.77 -9.13
C ALA A 219 8.21 2.16 -8.69
N ILE A 220 6.97 2.28 -8.20
CA ILE A 220 6.43 3.49 -7.61
C ILE A 220 5.86 3.15 -6.22
N LEU A 221 6.26 3.89 -5.21
CA LEU A 221 5.77 3.68 -3.85
C LEU A 221 5.12 4.94 -3.33
N GLN A 222 3.86 4.85 -2.94
CA GLN A 222 3.10 6.00 -2.45
C GLN A 222 2.83 5.80 -0.95
N SER A 223 3.44 6.65 -0.12
CA SER A 223 3.12 6.72 1.32
C SER A 223 3.36 5.38 2.00
N GLY A 224 4.39 4.66 1.57
CA GLY A 224 4.69 3.39 2.16
C GLY A 224 6.08 2.95 1.74
N SER A 225 6.77 2.23 2.61
CA SER A 225 8.10 1.77 2.27
C SER A 225 8.37 0.50 3.07
N PRO A 226 9.23 -0.38 2.59
CA PRO A 226 9.30 -1.73 3.18
C PRO A 226 9.80 -1.76 4.61
N ASN A 227 10.58 -0.76 5.01
CA ASN A 227 11.16 -0.66 6.34
C ASN A 227 10.24 0.03 7.35
N CYS A 228 9.00 0.31 6.99
CA CYS A 228 8.08 0.98 7.93
C CYS A 228 7.94 0.17 9.22
N PRO A 229 7.81 0.84 10.37
CA PRO A 229 7.75 0.10 11.64
C PRO A 229 6.56 -0.84 11.74
N TRP A 230 5.50 -0.61 10.98
CA TRP A 230 4.30 -1.43 11.00
C TRP A 230 4.29 -2.50 9.92
N ALA A 231 5.22 -2.44 8.96
CA ALA A 231 5.12 -3.28 7.77
C ALA A 231 5.67 -4.70 7.97
N SER A 232 6.43 -4.97 9.04
CA SER A 232 6.94 -6.31 9.24
C SER A 232 7.19 -6.55 10.72
N VAL A 233 7.18 -7.83 11.09
CA VAL A 233 7.53 -8.27 12.43
C VAL A 233 8.57 -9.38 12.33
N SER A 234 9.23 -9.65 13.45
CA SER A 234 10.16 -10.76 13.51
C SER A 234 9.40 -12.09 13.51
N VAL A 235 10.17 -13.15 13.32
CA VAL A 235 9.62 -14.50 13.32
C VAL A 235 9.07 -14.86 14.70
N ALA A 236 9.72 -14.39 15.77
CA ALA A 236 9.22 -14.68 17.11
C ALA A 236 7.92 -13.93 17.40
N GLU A 237 7.82 -12.67 16.98
CA GLU A 237 6.58 -11.93 17.21
C GLU A 237 5.44 -12.48 16.35
N GLY A 238 5.74 -12.90 15.12
CA GLY A 238 4.70 -13.50 14.30
C GLY A 238 4.17 -14.79 14.90
N ARG A 239 5.08 -15.60 15.46
CA ARG A 239 4.67 -16.81 16.17
C ARG A 239 3.84 -16.47 17.40
N ARG A 240 4.30 -15.48 18.18
CA ARG A 240 3.56 -15.10 19.38
C ARG A 240 2.12 -14.69 19.04
N ARG A 241 1.94 -13.88 17.98
CA ARG A 241 0.59 -13.42 17.63
C ARG A 241 -0.26 -14.56 17.09
N ALA A 242 0.34 -15.48 16.31
CA ALA A 242 -0.41 -16.63 15.82
C ALA A 242 -0.93 -17.48 16.98
N VAL A 243 -0.08 -17.72 17.98
CA VAL A 243 -0.47 -18.50 19.16
C VAL A 243 -1.54 -17.75 19.96
N GLU A 244 -1.35 -16.44 20.15
CA GLU A 244 -2.37 -15.64 20.83
C GLU A 244 -3.68 -15.68 20.07
N LEU A 245 -3.64 -15.75 18.73
CA LEU A 245 -4.87 -15.85 17.97
C LEU A 245 -5.60 -17.16 18.31
N GLY A 246 -4.88 -18.28 18.24
CA GLY A 246 -5.46 -19.55 18.64
C GLY A 246 -5.93 -19.55 20.08
N ARG A 247 -5.23 -18.83 20.95
CA ARG A 247 -5.68 -18.70 22.33
C ARG A 247 -7.02 -17.97 22.40
N ASN A 248 -7.24 -16.98 21.54
CA ASN A 248 -8.53 -16.29 21.48
C ASN A 248 -9.65 -17.17 20.95
N LEU A 249 -9.34 -18.26 20.26
CA LEU A 249 -10.36 -19.10 19.65
C LEU A 249 -10.43 -20.49 20.30
N ASN A 250 -9.90 -20.62 21.51
CA ASN A 250 -9.94 -21.87 22.27
C ASN A 250 -9.28 -23.02 21.51
N CYS A 251 -8.12 -22.74 20.93
CA CYS A 251 -7.43 -23.76 20.15
C CYS A 251 -6.49 -24.56 21.03
N ASN A 252 -6.38 -25.84 20.71
CA ASN A 252 -5.27 -26.65 21.20
C ASN A 252 -3.96 -25.99 20.77
N LEU A 253 -3.11 -25.66 21.72
CA LEU A 253 -1.85 -25.02 21.42
C LEU A 253 -0.62 -25.88 21.57
N ASN A 254 -0.80 -27.18 21.66
CA ASN A 254 0.30 -28.10 21.86
C ASN A 254 1.35 -28.12 20.77
N SER A 255 0.94 -27.95 19.53
CA SER A 255 1.86 -27.93 18.43
C SER A 255 1.37 -27.08 17.28
N ASP A 256 2.29 -26.65 16.44
CA ASP A 256 1.91 -25.94 15.22
C ASP A 256 0.81 -26.70 14.49
N GLU A 257 0.93 -28.02 14.42
CA GLU A 257 -0.05 -28.83 13.71
C GLU A 257 -1.43 -28.69 14.37
N GLU A 258 -1.46 -28.80 15.70
CA GLU A 258 -2.70 -28.59 16.42
C GLU A 258 -3.26 -27.21 16.14
N LEU A 259 -2.42 -26.17 16.26
CA LEU A 259 -2.89 -24.79 16.15
C LEU A 259 -3.43 -24.51 14.76
N ILE A 260 -2.67 -24.90 13.72
CA ILE A 260 -3.08 -24.60 12.36
C ILE A 260 -4.38 -25.30 12.02
N HIS A 261 -4.49 -26.58 12.38
CA HIS A 261 -5.70 -27.32 12.10
C HIS A 261 -6.92 -26.67 12.76
N CYS A 262 -6.77 -26.22 14.02
CA CYS A 262 -7.86 -25.53 14.68
C CYS A 262 -8.24 -24.26 13.91
N LEU A 263 -7.25 -23.45 13.54
CA LEU A 263 -7.52 -22.20 12.84
C LEU A 263 -8.11 -22.46 11.46
N ARG A 264 -7.83 -23.61 10.85
CA ARG A 264 -8.42 -23.88 9.55
C ARG A 264 -9.87 -24.32 9.66
N GLU A 265 -10.19 -24.87 10.79
CA GLU A 265 -11.69 -25.20 10.99
CA GLU A 265 -11.59 -25.12 11.05
C GLU A 265 -12.69 -23.95 11.22
N LYS A 266 -12.02 -22.85 11.57
CA LYS A 266 -12.83 -21.69 11.91
C LYS A 266 -13.36 -21.01 10.65
N LYS A 267 -14.59 -20.51 10.75
CA LYS A 267 -15.11 -19.67 9.69
C LYS A 267 -14.32 -18.37 9.62
N PRO A 268 -14.23 -17.76 8.43
CA PRO A 268 -13.43 -16.53 8.29
C PRO A 268 -13.76 -15.44 9.30
N GLN A 269 -15.05 -15.14 9.54
CA GLN A 269 -15.38 -14.07 10.47
C GLN A 269 -14.93 -14.36 11.90
N GLU A 270 -14.83 -15.64 12.27
CA GLU A 270 -14.31 -15.97 13.59
C GLU A 270 -12.88 -15.47 13.77
N LEU A 271 -12.04 -15.64 12.73
CA LEU A 271 -10.69 -15.10 12.79
C LEU A 271 -10.70 -13.58 12.83
N ILE A 272 -11.57 -12.96 12.03
CA ILE A 272 -11.61 -11.50 11.98
C ILE A 272 -12.13 -10.92 13.30
N ASP A 273 -13.07 -11.61 13.97
CA ASP A 273 -13.64 -11.06 15.19
C ASP A 273 -12.60 -10.80 16.27
N VAL A 274 -11.51 -11.58 16.30
CA VAL A 274 -10.52 -11.50 17.37
C VAL A 274 -9.18 -11.02 16.87
N GLU A 275 -9.05 -10.72 15.57
CA GLU A 275 -7.76 -10.41 14.96
C GLU A 275 -7.02 -9.30 15.72
N TRP A 276 -7.74 -8.27 16.16
CA TRP A 276 -7.10 -7.13 16.80
C TRP A 276 -6.61 -7.43 18.21
N ASN A 277 -7.03 -8.55 18.81
CA ASN A 277 -6.66 -8.81 20.20
C ASN A 277 -5.24 -9.28 20.37
N VAL A 278 -4.49 -9.53 19.29
CA VAL A 278 -3.17 -10.13 19.43
C VAL A 278 -2.07 -9.09 19.41
N LEU A 279 -2.39 -7.82 19.21
CA LEU A 279 -1.36 -6.79 19.22
C LEU A 279 -0.68 -6.75 20.59
N PRO A 280 0.64 -6.55 20.66
CA PRO A 280 1.30 -6.57 21.96
C PRO A 280 1.19 -5.28 22.74
N PHE A 281 0.92 -4.15 22.08
CA PHE A 281 0.87 -2.87 22.76
C PHE A 281 -0.44 -2.17 22.49
N ASP A 282 -0.77 -1.24 23.38
CA ASP A 282 -1.79 -0.23 23.15
C ASP A 282 -1.23 0.76 22.13
N SER A 283 -1.69 0.65 20.89
CA SER A 283 -0.96 1.30 19.81
C SER A 283 -1.94 1.87 18.79
N ILE A 284 -1.44 2.79 17.98
CA ILE A 284 -2.06 3.09 16.70
C ILE A 284 -1.05 2.82 15.60
N PHE A 285 -1.56 2.61 14.39
CA PHE A 285 -0.73 2.36 13.20
C PHE A 285 0.12 1.11 13.41
N ARG A 286 -0.53 0.06 13.92
CA ARG A 286 0.03 -1.26 14.12
C ARG A 286 -1.06 -2.27 13.77
N PHE A 287 -0.67 -3.29 13.00
CA PHE A 287 -1.61 -4.25 12.46
C PHE A 287 -1.16 -5.65 12.85
N SER A 288 -2.12 -6.58 12.91
CA SER A 288 -1.87 -7.84 13.58
C SER A 288 -0.97 -8.76 12.77
N PHE A 289 -1.36 -9.07 11.54
CA PHE A 289 -0.65 -10.04 10.72
C PHE A 289 -0.05 -9.34 9.52
N VAL A 290 1.28 -9.21 9.53
CA VAL A 290 1.98 -8.46 8.50
C VAL A 290 3.15 -9.32 8.02
N PRO A 291 3.87 -8.90 6.98
CA PRO A 291 5.04 -9.66 6.54
C PRO A 291 6.02 -9.97 7.67
N VAL A 292 6.72 -11.08 7.54
CA VAL A 292 7.66 -11.54 8.56
C VAL A 292 9.06 -11.70 7.96
N ILE A 293 10.05 -11.25 8.72
CA ILE A 293 11.45 -11.35 8.32
C ILE A 293 11.90 -12.80 8.50
N ASP A 294 11.78 -13.59 7.45
CA ASP A 294 11.78 -15.04 7.57
C ASP A 294 13.07 -15.72 7.12
N GLY A 295 14.04 -14.96 6.60
CA GLY A 295 15.24 -15.56 6.05
C GLY A 295 15.03 -16.25 4.72
N GLU A 296 13.83 -16.15 4.16
CA GLU A 296 13.52 -16.79 2.88
CA GLU A 296 13.52 -16.79 2.88
C GLU A 296 13.02 -15.74 1.90
N PHE A 297 11.79 -15.24 2.06
CA PHE A 297 11.35 -14.10 1.25
C PHE A 297 12.31 -12.92 1.42
N PHE A 298 12.69 -12.63 2.66
CA PHE A 298 13.70 -11.63 2.97
C PHE A 298 14.92 -12.38 3.48
N PRO A 299 16.04 -12.37 2.76
CA PRO A 299 17.19 -13.20 3.16
C PRO A 299 17.79 -12.82 4.49
N THR A 300 17.98 -11.52 4.73
CA THR A 300 18.42 -11.02 6.04
C THR A 300 17.54 -9.85 6.47
N SER A 301 17.94 -9.14 7.52
CA SER A 301 17.14 -8.02 7.98
C SER A 301 17.04 -6.97 6.89
N LEU A 302 15.97 -6.16 6.95
CA LEU A 302 15.78 -5.14 5.94
C LEU A 302 16.91 -4.12 5.96
N GLU A 303 17.36 -3.72 7.15
CA GLU A 303 18.39 -2.69 7.24
C GLU A 303 19.70 -3.16 6.64
N SER A 304 20.09 -4.42 6.89
CA SER A 304 21.34 -4.92 6.32
C SER A 304 21.23 -5.11 4.82
N MET A 305 20.05 -5.51 4.33
CA MET A 305 19.82 -5.55 2.88
C MET A 305 19.97 -4.17 2.27
N LEU A 306 19.42 -3.14 2.91
CA LEU A 306 19.53 -1.80 2.37
C LEU A 306 20.96 -1.28 2.44
N ASN A 307 21.70 -1.66 3.49
CA ASN A 307 23.05 -1.15 3.64
C ASN A 307 23.99 -1.76 2.62
N SER A 308 23.83 -3.05 2.33
CA SER A 308 24.74 -3.75 1.45
C SER A 308 24.34 -3.65 -0.02
N GLY A 309 23.27 -2.90 -0.33
CA GLY A 309 22.81 -2.87 -1.70
C GLY A 309 22.15 -4.14 -2.17
N ASN A 310 21.68 -4.97 -1.25
CA ASN A 310 21.11 -6.26 -1.61
C ASN A 310 19.63 -6.03 -2.00
N PHE A 311 19.44 -5.61 -3.25
CA PHE A 311 18.11 -5.30 -3.76
C PHE A 311 18.20 -4.94 -5.24
N LYS A 312 17.05 -5.01 -5.91
CA LYS A 312 16.98 -4.69 -7.33
C LYS A 312 17.36 -3.24 -7.57
N LYS A 313 18.21 -3.02 -8.57
CA LYS A 313 18.67 -1.69 -8.92
C LYS A 313 18.00 -1.23 -10.21
N THR A 314 17.22 -0.16 -10.11
CA THR A 314 16.38 0.33 -11.19
C THR A 314 15.97 1.75 -10.81
N GLN A 315 14.94 2.29 -11.47
CA GLN A 315 14.45 3.62 -11.14
C GLN A 315 13.22 3.49 -10.25
N ILE A 316 13.03 4.46 -9.35
CA ILE A 316 11.88 4.46 -8.46
C ILE A 316 11.30 5.85 -8.40
N LEU A 317 10.00 5.94 -8.30
CA LEU A 317 9.29 7.16 -8.12
C LEU A 317 8.52 6.98 -6.78
N LEU A 318 8.67 7.89 -5.86
CA LEU A 318 8.04 7.79 -4.57
C LEU A 318 7.74 9.10 -3.88
N GLY A 319 6.80 9.03 -2.97
CA GLY A 319 6.38 10.19 -2.26
C GLY A 319 5.46 9.98 -1.10
N VAL A 320 5.19 11.07 -0.41
CA VAL A 320 4.34 11.08 0.77
C VAL A 320 3.33 12.22 0.66
N ASN A 321 2.31 12.16 1.51
CA ASN A 321 1.33 13.23 1.67
C ASN A 321 1.60 14.04 2.94
N LYS A 322 1.02 15.25 2.96
CA LYS A 322 1.33 16.21 4.02
C LYS A 322 0.88 15.73 5.40
N ASP A 323 -0.28 15.07 5.51
CA ASP A 323 -0.85 14.74 6.81
C ASP A 323 -1.18 13.25 6.90
N GLU A 324 -0.15 12.42 6.75
CA GLU A 324 -0.32 10.97 6.78
C GLU A 324 -0.93 10.47 8.10
N GLY A 325 -0.73 11.19 9.20
CA GLY A 325 -1.12 10.64 10.49
C GLY A 325 -2.58 10.79 10.88
N SER A 326 -3.29 11.74 10.28
CA SER A 326 -4.58 12.16 10.85
C SER A 326 -5.61 11.03 10.83
N PHE A 327 -5.60 10.17 9.80
CA PHE A 327 -6.53 9.05 9.72
C PHE A 327 -6.45 8.18 10.97
N PHE A 328 -5.24 7.84 11.39
CA PHE A 328 -5.05 6.89 12.46
C PHE A 328 -5.34 7.50 13.83
N LEU A 329 -5.12 8.81 13.99
CA LEU A 329 -5.48 9.47 15.23
C LEU A 329 -7.01 9.56 15.36
N LEU A 330 -7.68 9.91 14.26
CA LEU A 330 -9.14 9.91 14.23
C LEU A 330 -9.72 8.61 14.77
N TYR A 331 -9.17 7.47 14.31
CA TYR A 331 -9.74 6.17 14.66
C TYR A 331 -9.29 5.65 16.02
N GLY A 332 -8.17 6.14 16.55
CA GLY A 332 -7.65 5.48 17.73
C GLY A 332 -7.06 6.37 18.82
N ALA A 333 -7.08 7.69 18.62
CA ALA A 333 -6.45 8.45 19.69
C ALA A 333 -7.49 9.29 20.44
N PRO A 334 -7.40 9.37 21.76
CA PRO A 334 -8.40 10.12 22.53
C PRO A 334 -8.37 11.61 22.20
N GLY A 335 -9.56 12.18 22.03
CA GLY A 335 -9.70 13.59 21.77
C GLY A 335 -9.89 13.95 20.31
N PHE A 336 -9.71 13.00 19.39
CA PHE A 336 -9.91 13.22 17.97
C PHE A 336 -11.29 12.72 17.57
N SER A 337 -12.02 13.53 16.81
CA SER A 337 -13.38 13.20 16.40
C SER A 337 -13.63 13.71 15.00
N LYS A 338 -14.49 13.00 14.26
CA LYS A 338 -14.71 13.36 12.87
C LYS A 338 -15.38 14.71 12.73
N ASP A 339 -16.21 15.10 13.70
CA ASP A 339 -17.10 16.26 13.54
C ASP A 339 -16.70 17.45 14.42
N SER A 340 -15.57 17.40 15.09
CA SER A 340 -15.04 18.59 15.74
C SER A 340 -13.67 18.92 15.16
N GLU A 341 -13.16 20.09 15.53
CA GLU A 341 -11.82 20.50 15.16
C GLU A 341 -10.74 19.68 15.86
N SER A 342 -11.13 18.89 16.86
CA SER A 342 -10.21 17.99 17.55
C SER A 342 -9.01 18.73 18.14
N LYS A 343 -9.30 19.84 18.82
CA LYS A 343 -8.27 20.51 19.60
C LYS A 343 -7.88 19.62 20.77
N ILE A 344 -6.59 19.49 20.99
CA ILE A 344 -6.04 18.41 21.81
C ILE A 344 -5.46 19.00 23.08
N SER A 345 -5.96 18.51 24.19
CA SER A 345 -5.53 18.92 25.48
C SER A 345 -4.18 18.31 25.72
N ARG A 346 -3.48 18.82 26.69
CA ARG A 346 -2.18 18.32 27.04
C ARG A 346 -2.24 16.87 27.48
N GLU A 347 -3.24 16.47 28.24
CA GLU A 347 -3.39 15.07 28.68
C GLU A 347 -3.51 14.14 27.47
N ASP A 348 -4.42 14.50 26.61
CA ASP A 348 -4.68 13.85 25.35
C ASP A 348 -3.43 13.80 24.46
N PHE A 349 -2.66 14.86 24.42
CA PHE A 349 -1.41 14.83 23.67
C PHE A 349 -0.49 13.76 24.21
N MET A 350 -0.32 13.72 25.54
CA MET A 350 0.53 12.72 26.14
C MET A 350 0.03 11.31 25.84
N SER A 351 -1.29 11.11 25.93
CA SER A 351 -1.87 9.83 25.54
C SER A 351 -1.55 9.49 24.09
N GLY A 352 -1.63 10.48 23.20
CA GLY A 352 -1.35 10.25 21.80
C GLY A 352 0.08 9.82 21.55
N VAL A 353 1.04 10.48 22.20
CA VAL A 353 2.43 10.10 22.06
C VAL A 353 2.63 8.64 22.41
N LYS A 354 2.03 8.20 23.52
CA LYS A 354 2.24 6.82 23.96
C LYS A 354 1.66 5.81 22.99
N LEU A 355 0.48 6.09 22.41
CA LEU A 355 -0.10 5.21 21.40
C LEU A 355 0.73 5.19 20.13
N SER A 356 1.44 6.29 19.84
CA SER A 356 2.14 6.47 18.57
C SER A 356 3.49 5.79 18.56
N VAL A 357 4.19 5.81 19.68
CA VAL A 357 5.48 5.15 19.78
C VAL A 357 5.34 4.04 20.82
N PRO A 358 4.57 2.99 20.53
CA PRO A 358 4.21 2.02 21.58
C PRO A 358 5.39 1.23 22.08
N HIS A 359 6.48 1.15 21.31
CA HIS A 359 7.70 0.44 21.69
C HIS A 359 8.70 1.28 22.49
N ALA A 360 8.37 2.55 22.78
CA ALA A 360 9.30 3.44 23.46
C ALA A 360 9.16 3.35 24.98
N ASN A 361 10.28 3.46 25.67
CA ASN A 361 10.27 3.61 27.12
C ASN A 361 9.97 5.07 27.46
N ASP A 362 9.97 5.37 28.77
CA ASP A 362 9.54 6.70 29.20
C ASP A 362 10.52 7.79 28.76
N LEU A 363 11.82 7.48 28.76
CA LEU A 363 12.78 8.43 28.21
C LEU A 363 12.52 8.69 26.72
N GLY A 364 12.15 7.64 25.97
CA GLY A 364 11.85 7.81 24.57
C GLY A 364 10.61 8.66 24.34
N LEU A 365 9.56 8.41 25.12
CA LEU A 365 8.38 9.27 25.07
C LEU A 365 8.73 10.72 25.34
N ASP A 366 9.59 10.97 26.35
CA ASP A 366 10.04 12.33 26.63
C ASP A 366 10.78 12.94 25.45
N ALA A 367 11.67 12.17 24.81
CA ALA A 367 12.39 12.68 23.65
C ALA A 367 11.42 13.10 22.55
N VAL A 368 10.44 12.24 22.25
CA VAL A 368 9.42 12.58 21.26
C VAL A 368 8.66 13.83 21.67
N THR A 369 8.20 13.86 22.93
CA THR A 369 7.41 14.97 23.42
C THR A 369 8.17 16.28 23.31
N LEU A 370 9.44 16.27 23.73
CA LEU A 370 10.27 17.47 23.61
C LEU A 370 10.41 17.90 22.16
N GLN A 371 10.61 16.94 21.25
CA GLN A 371 10.86 17.26 19.84
C GLN A 371 9.67 17.93 19.19
N TYR A 372 8.45 17.63 19.64
CA TYR A 372 7.26 18.11 18.95
C TYR A 372 6.44 19.11 19.77
N THR A 373 6.95 19.61 20.90
CA THR A 373 6.21 20.56 21.72
C THR A 373 6.79 21.95 21.57
N ASP A 374 5.95 22.90 21.18
CA ASP A 374 6.29 24.31 21.30
C ASP A 374 6.11 24.72 22.76
N TRP A 375 7.21 24.83 23.49
CA TRP A 375 7.11 25.13 24.92
C TRP A 375 6.82 26.60 25.21
N MET A 376 6.76 27.45 24.20
CA MET A 376 6.23 28.79 24.38
C MET A 376 4.72 28.83 24.35
N ASP A 377 4.08 27.74 23.96
CA ASP A 377 2.65 27.70 23.81
C ASP A 377 2.18 26.26 23.96
N ASP A 378 2.47 25.64 25.07
CA ASP A 378 2.13 24.24 25.27
C ASP A 378 0.66 23.85 25.34
N ASN A 379 -0.19 24.79 25.66
CA ASN A 379 -1.63 24.49 25.75
C ASN A 379 -2.38 24.89 24.49
N ASN A 380 -1.68 25.13 23.39
CA ASN A 380 -2.32 25.37 22.11
C ASN A 380 -2.90 24.06 21.59
N GLY A 381 -4.22 23.93 21.61
CA GLY A 381 -4.86 22.69 21.20
C GLY A 381 -4.68 22.37 19.73
N ILE A 382 -4.52 23.39 18.90
CA ILE A 382 -4.25 23.18 17.48
C ILE A 382 -2.82 22.71 17.28
N LYS A 383 -1.88 23.30 18.03
CA LYS A 383 -0.49 22.86 17.94
C LYS A 383 -0.33 21.43 18.47
N ASN A 384 -1.08 21.08 19.52
CA ASN A 384 -1.05 19.70 19.99
C ASN A 384 -1.67 18.74 18.97
N ARG A 385 -2.74 19.17 18.30
CA ARG A 385 -3.37 18.31 17.30
C ARG A 385 -2.42 18.12 16.11
N ASP A 386 -1.96 19.21 15.51
CA ASP A 386 -1.03 19.11 14.38
C ASP A 386 0.28 18.43 14.80
N GLY A 387 0.72 18.64 16.03
CA GLY A 387 1.94 17.99 16.51
C GLY A 387 1.79 16.47 16.57
N LEU A 388 0.66 15.98 17.08
CA LEU A 388 0.40 14.55 17.05
C LEU A 388 0.30 14.04 15.62
N ASP A 389 -0.38 14.79 14.76
CA ASP A 389 -0.49 14.44 13.35
C ASP A 389 0.88 14.20 12.76
N ASP A 390 1.79 15.17 12.94
CA ASP A 390 3.15 15.05 12.42
C ASP A 390 3.90 13.88 13.04
N ILE A 391 3.76 13.65 14.35
CA ILE A 391 4.44 12.53 14.98
C ILE A 391 4.06 11.22 14.29
N VAL A 392 2.76 11.02 14.06
CA VAL A 392 2.30 9.76 13.53
C VAL A 392 2.79 9.57 12.09
N GLY A 393 2.69 10.63 11.28
CA GLY A 393 3.14 10.53 9.90
C GLY A 393 4.65 10.46 9.74
N ASP A 394 5.38 11.29 10.50
CA ASP A 394 6.83 11.22 10.45
C ASP A 394 7.31 9.83 10.84
N HIS A 395 6.85 9.33 11.98
CA HIS A 395 7.35 8.05 12.50
C HIS A 395 6.94 6.88 11.61
N ASN A 396 5.71 6.88 11.09
CA ASN A 396 5.21 5.70 10.40
C ASN A 396 5.37 5.73 8.89
N VAL A 397 5.54 6.90 8.28
CA VAL A 397 5.50 6.95 6.82
C VAL A 397 6.67 7.74 6.27
N ILE A 398 6.75 9.03 6.62
CA ILE A 398 7.70 9.92 5.97
C ILE A 398 9.14 9.52 6.30
N CYS A 399 9.48 9.44 7.58
CA CYS A 399 10.88 9.20 7.91
C CYS A 399 11.35 7.79 7.52
N PRO A 400 10.54 6.73 7.66
CA PRO A 400 10.97 5.44 7.08
C PRO A 400 11.16 5.53 5.58
N LEU A 401 10.28 6.25 4.88
CA LEU A 401 10.45 6.39 3.45
C LEU A 401 11.72 7.16 3.13
N MET A 402 12.00 8.22 3.89
CA MET A 402 13.21 8.98 3.66
C MET A 402 14.44 8.13 3.93
N HIS A 403 14.38 7.26 4.95
CA HIS A 403 15.49 6.34 5.17
C HIS A 403 15.66 5.39 3.97
N PHE A 404 14.55 4.87 3.44
CA PHE A 404 14.62 3.97 2.29
C PHE A 404 15.18 4.71 1.08
N VAL A 405 14.66 5.91 0.80
CA VAL A 405 15.09 6.61 -0.39
C VAL A 405 16.56 6.96 -0.31
N ASN A 406 17.07 7.21 0.89
CA ASN A 406 18.47 7.58 0.96
C ASN A 406 19.36 6.36 0.81
N LYS A 407 18.98 5.23 1.40
CA LYS A 407 19.75 4.01 1.20
C LYS A 407 19.67 3.54 -0.26
N TYR A 408 18.51 3.72 -0.89
CA TYR A 408 18.32 3.16 -2.22
C TYR A 408 19.09 3.94 -3.26
N THR A 409 19.04 5.27 -3.16
CA THR A 409 19.65 6.13 -4.17
C THR A 409 21.15 5.88 -4.28
N LYS A 410 21.79 5.41 -3.21
CA LYS A 410 23.21 5.08 -3.27
C LYS A 410 23.49 4.03 -4.35
N PHE A 411 22.62 3.04 -4.51
CA PHE A 411 22.85 1.97 -5.47
C PHE A 411 21.94 2.02 -6.67
N GLY A 412 20.88 2.81 -6.65
CA GLY A 412 19.88 2.74 -7.70
C GLY A 412 20.31 3.46 -8.96
N ASN A 413 19.38 3.50 -9.92
CA ASN A 413 19.63 4.08 -11.23
C ASN A 413 18.73 5.28 -11.50
N GLY A 414 18.13 5.86 -10.47
CA GLY A 414 17.33 7.07 -10.64
C GLY A 414 16.16 7.16 -9.69
N THR A 415 16.08 8.24 -8.92
CA THR A 415 15.03 8.44 -7.92
C THR A 415 14.29 9.74 -8.18
N TYR A 416 12.96 9.68 -8.12
CA TYR A 416 12.12 10.89 -8.17
C TYR A 416 11.22 10.93 -6.94
N LEU A 417 11.27 12.03 -6.21
CA LEU A 417 10.61 12.16 -4.89
C LEU A 417 9.58 13.29 -4.91
N TYR A 418 8.40 13.04 -4.34
CA TYR A 418 7.33 14.03 -4.33
C TYR A 418 6.76 14.22 -2.93
N PHE A 419 6.25 15.43 -2.70
CA PHE A 419 5.50 15.77 -1.50
C PHE A 419 4.13 16.24 -1.97
N PHE A 420 3.11 15.41 -1.77
CA PHE A 420 1.76 15.72 -2.21
C PHE A 420 1.03 16.46 -1.09
N ASN A 421 0.67 17.73 -1.34
CA ASN A 421 0.06 18.54 -0.29
C ASN A 421 -1.11 19.35 -0.84
N HIS A 422 -1.92 18.75 -1.70
CA HIS A 422 -3.15 19.39 -2.13
C HIS A 422 -4.33 18.79 -1.35
N ARG A 423 -5.10 19.64 -0.68
CA ARG A 423 -6.36 19.21 -0.10
C ARG A 423 -7.47 19.35 -1.15
N ALA A 424 -8.15 18.25 -1.44
CA ALA A 424 -9.16 18.26 -2.48
C ALA A 424 -10.36 19.10 -2.07
N SER A 425 -10.93 19.82 -3.04
CA SER A 425 -12.02 20.73 -2.77
C SER A 425 -13.31 20.02 -2.37
N ASN A 426 -13.48 18.75 -2.76
CA ASN A 426 -14.70 18.00 -2.46
C ASN A 426 -14.49 17.01 -1.31
N LEU A 427 -13.44 17.19 -0.53
CA LEU A 427 -13.11 16.27 0.55
C LEU A 427 -14.24 16.24 1.59
N VAL A 428 -14.67 15.04 1.99
CA VAL A 428 -15.78 14.93 2.95
C VAL A 428 -15.29 14.85 4.39
N TRP A 429 -14.01 14.60 4.62
CA TRP A 429 -13.42 14.56 5.95
C TRP A 429 -13.19 15.98 6.47
N PRO A 430 -13.09 16.15 7.79
CA PRO A 430 -12.93 17.50 8.34
C PRO A 430 -11.62 18.17 7.93
N GLU A 431 -11.62 19.50 8.07
CA GLU A 431 -10.44 20.32 7.76
C GLU A 431 -9.21 19.87 8.52
N TRP A 432 -9.35 19.55 9.81
CA TRP A 432 -8.18 19.30 10.64
C TRP A 432 -7.35 18.11 10.13
N MET A 433 -7.95 17.21 9.35
CA MET A 433 -7.22 16.03 8.89
C MET A 433 -6.28 16.36 7.73
N GLY A 434 -6.50 17.49 7.04
CA GLY A 434 -5.51 17.98 6.09
C GLY A 434 -5.45 17.15 4.81
N VAL A 435 -4.22 16.88 4.37
CA VAL A 435 -3.98 16.08 3.17
C VAL A 435 -3.76 14.64 3.64
N ILE A 436 -4.82 13.84 3.54
CA ILE A 436 -4.97 12.58 4.26
C ILE A 436 -4.28 11.43 3.55
N HIS A 437 -3.71 10.52 4.34
CA HIS A 437 -3.29 9.19 3.89
C HIS A 437 -4.28 8.58 2.91
N GLY A 438 -3.81 8.32 1.70
CA GLY A 438 -4.63 7.70 0.68
C GLY A 438 -5.33 8.65 -0.27
N TYR A 439 -5.25 9.96 -0.05
CA TYR A 439 -6.07 10.84 -0.84
C TYR A 439 -5.32 11.44 -2.03
N GLU A 440 -4.11 10.95 -2.31
CA GLU A 440 -3.50 11.18 -3.62
C GLU A 440 -3.92 10.14 -4.64
N ILE A 441 -4.49 9.01 -4.18
CA ILE A 441 -4.80 7.92 -5.10
C ILE A 441 -5.79 8.37 -6.16
N GLU A 442 -6.85 9.06 -5.75
CA GLU A 442 -7.86 9.53 -6.69
C GLU A 442 -7.28 10.44 -7.77
N PHE A 443 -6.20 11.16 -7.46
CA PHE A 443 -5.52 11.93 -8.50
C PHE A 443 -4.68 11.02 -9.38
N VAL A 444 -4.05 10.01 -8.79
CA VAL A 444 -3.22 9.09 -9.56
C VAL A 444 -4.08 8.30 -10.55
N PHE A 445 -5.31 7.99 -10.18
CA PHE A 445 -6.22 7.25 -11.04
C PHE A 445 -7.17 8.14 -11.84
N GLY A 446 -6.97 9.46 -11.80
CA GLY A 446 -7.70 10.33 -12.71
C GLY A 446 -9.16 10.58 -12.39
N LEU A 447 -9.58 10.43 -11.13
CA LEU A 447 -10.97 10.72 -10.79
C LEU A 447 -11.37 12.17 -11.06
N PRO A 448 -10.52 13.19 -10.87
CA PRO A 448 -10.94 14.56 -11.20
C PRO A 448 -11.27 14.79 -12.67
N LEU A 449 -10.98 13.84 -13.56
CA LEU A 449 -11.42 13.99 -14.94
C LEU A 449 -12.92 13.74 -15.10
N VAL A 450 -13.57 13.15 -14.12
CA VAL A 450 -14.99 12.84 -14.20
C VAL A 450 -15.77 14.01 -13.61
N LYS A 451 -16.54 14.69 -14.48
CA LYS A 451 -17.18 15.95 -14.11
C LYS A 451 -18.15 15.76 -12.94
N GLU A 452 -18.87 14.64 -12.93
CA GLU A 452 -19.89 14.41 -11.91
C GLU A 452 -19.30 14.31 -10.52
N LEU A 453 -17.98 14.13 -10.39
CA LEU A 453 -17.36 14.00 -9.08
C LEU A 453 -16.97 15.33 -8.46
N ASN A 454 -17.25 16.45 -9.12
CA ASN A 454 -17.26 17.77 -8.47
C ASN A 454 -15.86 18.25 -8.10
N TYR A 455 -14.86 17.94 -8.93
CA TYR A 455 -13.54 18.54 -8.72
C TYR A 455 -13.46 19.87 -9.47
N THR A 456 -12.47 20.67 -9.10
CA THR A 456 -12.25 21.91 -9.84
C THR A 456 -11.43 21.63 -11.11
N ALA A 457 -11.45 22.60 -12.02
CA ALA A 457 -10.65 22.48 -13.23
C ALA A 457 -9.16 22.41 -12.90
N GLU A 458 -8.71 23.15 -11.89
CA GLU A 458 -7.32 23.05 -11.48
C GLU A 458 -6.99 21.65 -10.96
N GLU A 459 -7.96 20.99 -10.32
CA GLU A 459 -7.71 19.64 -9.83
C GLU A 459 -7.67 18.64 -10.99
N GLU A 460 -8.46 18.86 -12.03
CA GLU A 460 -8.34 18.01 -13.22
C GLU A 460 -6.96 18.19 -13.84
N ALA A 461 -6.48 19.42 -13.93
CA ALA A 461 -5.13 19.64 -14.47
C ALA A 461 -4.07 18.94 -13.63
N LEU A 462 -4.20 18.99 -12.30
CA LEU A 462 -3.23 18.33 -11.43
C LEU A 462 -3.28 16.82 -11.62
N SER A 463 -4.47 16.25 -11.75
CA SER A 463 -4.60 14.82 -11.97
C SER A 463 -3.97 14.40 -13.29
N ARG A 464 -4.27 15.12 -14.38
CA ARG A 464 -3.66 14.81 -15.67
C ARG A 464 -2.14 14.91 -15.59
N ARG A 465 -1.63 15.92 -14.89
CA ARG A 465 -0.20 16.04 -14.69
C ARG A 465 0.37 14.80 -13.99
N ILE A 466 -0.26 14.40 -12.87
CA ILE A 466 0.24 13.27 -12.11
C ILE A 466 0.12 11.98 -12.91
N MET A 467 -1.00 11.79 -13.62
CA MET A 467 -1.14 10.59 -14.42
C MET A 467 -0.04 10.51 -15.47
N HIS A 468 0.32 11.65 -16.05
CA HIS A 468 1.33 11.65 -17.10
C HIS A 468 2.73 11.51 -16.52
N TYR A 469 3.01 12.14 -15.37
CA TYR A 469 4.27 11.89 -14.67
C TYR A 469 4.45 10.39 -14.47
N TRP A 470 3.44 9.76 -13.89
CA TRP A 470 3.49 8.35 -13.54
C TRP A 470 3.63 7.41 -14.73
N ALA A 471 2.84 7.61 -15.79
CA ALA A 471 2.90 6.76 -16.97
C ALA A 471 4.20 7.01 -17.74
N THR A 472 4.60 8.26 -17.87
CA THR A 472 5.89 8.55 -18.50
C THR A 472 7.03 7.90 -17.74
N PHE A 473 6.99 7.95 -16.40
CA PHE A 473 8.00 7.25 -15.62
C PHE A 473 7.94 5.75 -15.87
N ALA A 474 6.73 5.19 -15.87
CA ALA A 474 6.57 3.76 -16.13
C ALA A 474 7.15 3.40 -17.49
N LYS A 475 6.98 4.29 -18.48
CA LYS A 475 7.43 3.99 -19.83
C LYS A 475 8.94 4.14 -19.97
N THR A 476 9.54 5.16 -19.35
CA THR A 476 10.92 5.50 -19.62
C THR A 476 11.84 5.51 -18.41
N GLY A 477 11.32 5.52 -17.18
CA GLY A 477 12.19 5.68 -16.02
C GLY A 477 12.46 7.12 -15.66
N ASN A 478 11.72 8.05 -16.22
CA ASN A 478 11.86 9.48 -16.01
C ASN A 478 10.45 10.07 -16.16
N PRO A 479 9.91 10.75 -15.15
CA PRO A 479 8.54 11.30 -15.26
C PRO A 479 8.43 12.44 -16.25
N ASN A 480 9.55 13.03 -16.66
CA ASN A 480 9.53 14.20 -17.52
C ASN A 480 9.51 13.80 -18.97
N GLU A 481 8.80 14.56 -19.77
CA GLU A 481 8.77 14.36 -21.19
C GLU A 481 10.07 14.96 -21.67
N PRO A 482 10.73 14.23 -22.63
CA PRO A 482 11.97 14.85 -23.12
C PRO A 482 11.68 16.04 -24.02
N HIS A 483 12.55 17.04 -24.01
CA HIS A 483 12.37 18.20 -24.85
C HIS A 483 11.02 18.83 -24.68
N SER A 484 10.58 18.87 -23.44
CA SER A 484 9.31 19.45 -23.09
C SER A 484 9.58 20.83 -22.54
N GLN A 485 8.61 21.69 -22.65
CA GLN A 485 8.70 23.05 -22.15
C GLN A 485 8.11 23.24 -20.74
N GLU A 486 7.45 22.20 -20.21
CA GLU A 486 6.90 22.29 -18.86
C GLU A 486 8.02 22.20 -17.83
N SER A 487 7.68 22.56 -16.59
CA SER A 487 8.65 22.55 -15.51
C SER A 487 9.11 21.11 -15.22
N LYS A 488 10.40 20.96 -14.94
CA LYS A 488 11.01 19.64 -14.83
C LYS A 488 11.13 19.19 -13.36
N TRP A 489 10.85 17.92 -13.13
CA TRP A 489 10.95 17.23 -11.86
C TRP A 489 12.38 16.72 -11.72
N PRO A 490 13.22 17.38 -10.92
CA PRO A 490 14.63 16.99 -10.85
C PRO A 490 14.82 15.62 -10.21
N LEU A 491 15.87 14.94 -10.67
CA LEU A 491 16.30 13.70 -10.04
C LEU A 491 16.66 13.95 -8.57
N PHE A 492 16.36 12.97 -7.71
CA PHE A 492 16.78 13.00 -6.32
C PHE A 492 18.18 12.39 -6.25
N THR A 493 19.15 13.15 -5.72
CA THR A 493 20.51 12.64 -5.59
C THR A 493 20.96 12.66 -4.15
N THR A 494 21.95 11.81 -3.85
CA THR A 494 22.55 11.78 -2.52
C THR A 494 23.02 13.15 -2.09
N LYS A 495 23.60 13.91 -3.01
CA LYS A 495 24.17 15.21 -2.66
C LYS A 495 23.09 16.26 -2.45
N GLU A 496 22.17 16.41 -3.40
CA GLU A 496 21.24 17.53 -3.38
C GLU A 496 19.89 17.21 -2.76
N GLN A 497 19.43 15.96 -2.85
CA GLN A 497 18.21 15.49 -2.17
C GLN A 497 16.99 16.34 -2.52
N LYS A 498 16.84 16.63 -3.82
CA LYS A 498 15.74 17.45 -4.31
C LYS A 498 14.44 16.66 -4.39
N PHE A 499 13.33 17.37 -4.20
CA PHE A 499 12.01 16.81 -4.45
C PHE A 499 11.09 17.93 -4.91
N ILE A 500 9.89 17.55 -5.36
CA ILE A 500 8.89 18.54 -5.78
C ILE A 500 7.65 18.43 -4.90
N ASP A 501 6.91 19.52 -4.86
CA ASP A 501 5.54 19.50 -4.38
C ASP A 501 4.62 19.05 -5.51
N LEU A 502 3.53 18.39 -5.14
CA LEU A 502 2.47 18.05 -6.07
C LEU A 502 1.21 18.74 -5.61
N ASN A 503 0.84 19.84 -6.26
CA ASN A 503 -0.37 20.57 -5.91
C ASN A 503 -0.76 21.41 -7.13
N THR A 504 -1.80 22.23 -6.96
CA THR A 504 -2.32 22.99 -8.10
C THR A 504 -1.51 24.25 -8.41
N GLU A 505 -0.50 24.57 -7.62
CA GLU A 505 0.35 25.74 -7.82
C GLU A 505 1.53 25.39 -8.71
N PRO A 506 2.22 26.40 -9.26
CA PRO A 506 3.39 26.10 -10.10
C PRO A 506 4.42 25.32 -9.30
N MET A 507 4.99 24.31 -9.95
CA MET A 507 5.90 23.39 -9.28
C MET A 507 7.01 24.15 -8.57
N LYS A 508 7.26 23.78 -7.31
CA LYS A 508 8.40 24.26 -6.55
C LYS A 508 9.29 23.08 -6.20
N VAL A 509 10.59 23.30 -6.22
CA VAL A 509 11.57 22.28 -5.88
C VAL A 509 12.14 22.62 -4.51
N HIS A 510 12.17 21.62 -3.63
CA HIS A 510 12.78 21.76 -2.31
C HIS A 510 13.85 20.70 -2.15
N GLN A 511 14.49 20.72 -0.98
CA GLN A 511 15.55 19.76 -0.66
C GLN A 511 15.36 19.29 0.77
N ARG A 512 15.80 18.06 1.04
CA ARG A 512 15.91 17.49 2.38
C ARG A 512 14.56 17.47 3.11
N LEU A 513 13.64 16.71 2.53
CA LEU A 513 12.28 16.59 3.06
C LEU A 513 12.28 16.16 4.51
N ARG A 514 11.75 17.05 5.38
CA ARG A 514 11.56 16.83 6.81
C ARG A 514 12.79 16.21 7.47
N VAL A 515 13.95 16.75 7.10
CA VAL A 515 15.22 16.15 7.51
C VAL A 515 15.45 16.29 9.00
N GLN A 516 15.03 17.42 9.60
CA GLN A 516 15.20 17.60 11.05
C GLN A 516 14.50 16.49 11.83
N MET A 517 13.22 16.27 11.57
CA MET A 517 12.51 15.22 12.28
C MET A 517 12.99 13.82 11.90
N CYS A 518 13.40 13.60 10.65
CA CYS A 518 13.81 12.26 10.27
C CYS A 518 15.16 11.89 10.87
N VAL A 519 16.04 12.86 11.11
CA VAL A 519 17.24 12.56 11.90
C VAL A 519 16.86 12.11 13.31
N PHE A 520 15.83 12.74 13.89
CA PHE A 520 15.37 12.27 15.19
C PHE A 520 14.79 10.86 15.11
N TRP A 521 13.93 10.60 14.12
CA TRP A 521 13.30 9.29 14.04
C TRP A 521 14.26 8.22 13.53
N ASN A 522 15.21 8.55 12.67
CA ASN A 522 16.04 7.52 12.05
C ASN A 522 17.39 7.32 12.72
N GLN A 523 17.92 8.34 13.40
CA GLN A 523 19.21 8.22 14.06
C GLN A 523 19.10 8.30 15.57
N PHE A 524 18.61 9.42 16.11
CA PHE A 524 18.72 9.63 17.56
C PHE A 524 17.83 8.67 18.34
N LEU A 525 16.52 8.65 18.05
CA LEU A 525 15.62 7.85 18.88
C LEU A 525 15.95 6.36 18.87
N PRO A 526 16.27 5.72 17.73
CA PRO A 526 16.68 4.30 17.81
C PRO A 526 17.91 4.10 18.67
N LYS A 527 18.87 5.04 18.60
CA LYS A 527 20.03 4.98 19.48
C LYS A 527 19.61 5.09 20.94
N LEU A 528 18.72 6.05 21.24
CA LEU A 528 18.24 6.21 22.62
C LEU A 528 17.58 4.93 23.11
N LEU A 529 16.72 4.33 22.29
CA LEU A 529 16.00 3.14 22.75
C LEU A 529 16.95 1.94 22.92
N ASN A 530 17.96 1.82 22.05
CA ASN A 530 18.85 0.67 22.14
C ASN A 530 19.79 0.78 23.34
N ALA A 531 20.07 2.00 23.80
CA ALA A 531 20.98 2.14 24.93
C ALA A 531 20.24 1.99 26.25
N THR A 532 18.96 2.39 26.30
CA THR A 532 18.13 2.33 27.50
C THR A 532 17.21 1.10 27.51
C1 NAG B . 21.69 4.36 -15.09
C2 NAG B . 22.44 5.68 -14.87
C3 NAG B . 23.12 6.13 -16.16
C4 NAG B . 24.02 5.03 -16.69
C5 NAG B . 23.21 3.76 -16.90
C6 NAG B . 24.08 2.59 -17.33
C7 NAG B . 21.48 7.09 -13.10
C8 NAG B . 20.48 8.16 -12.79
N2 NAG B . 21.53 6.71 -14.39
O3 NAG B . 23.89 7.29 -15.87
O4 NAG B . 24.67 5.41 -17.90
O5 NAG B . 22.58 3.38 -15.67
O6 NAG B . 23.36 1.36 -17.33
O7 NAG B . 22.19 6.59 -12.24
C1 NAG C . -20.84 -13.09 -17.84
C2 NAG C . -21.93 -13.49 -18.80
C3 NAG C . -22.93 -12.35 -18.97
C4 NAG C . -23.51 -11.98 -17.61
C5 NAG C . -22.38 -11.65 -16.61
C6 NAG C . -22.88 -11.41 -15.21
C7 NAG C . -21.40 -15.16 -20.52
C8 NAG C . -21.98 -16.17 -19.56
N2 NAG C . -21.40 -13.90 -20.10
O3 NAG C . -23.97 -12.76 -19.85
O4 NAG C . -24.38 -10.85 -17.76
O5 NAG C . -21.42 -12.72 -16.56
O6 NAG C . -23.01 -12.61 -14.45
O7 NAG C . -20.95 -15.49 -21.61
C1 NAG D . -23.31 17.09 -5.97
C2 NAG D . -22.96 15.83 -5.18
C3 NAG D . -24.22 15.25 -4.51
C4 NAG D . -24.93 16.32 -3.69
C5 NAG D . -25.18 17.57 -4.52
C6 NAG D . -25.76 18.72 -3.72
C7 NAG D . -21.15 14.27 -5.79
C8 NAG D . -20.68 13.25 -6.78
N2 NAG D . -22.33 14.84 -6.04
O3 NAG D . -23.86 14.16 -3.69
O4 NAG D . -26.16 15.83 -3.19
O5 NAG D . -23.94 18.04 -5.10
O6 NAG D . -24.77 19.67 -3.36
O7 NAG D . -20.48 14.57 -4.80
O1 RM0 E . -11.10 -3.17 17.11
C2 RM0 E . -10.14 -2.34 17.66
C3 RM0 E . -9.12 -1.85 16.64
N4 RM0 E . -9.69 -1.29 15.51
C5 RM0 E . -10.70 -2.07 14.98
C6 RM0 E . -11.71 -2.55 16.04
C7 RM0 E . -8.78 -1.13 14.62
C8 RM0 E . -9.13 0.05 13.68
C9 RM0 E . -7.97 0.30 12.70
C10 RM0 E . -8.10 1.52 11.79
C11 RM0 E . -6.66 1.93 11.39
C1 RM0 E . -6.46 2.62 10.02
N5 RM0 E . -5.99 1.91 9.00
C12 RM0 E . -5.77 2.45 7.81
C13 RM0 E . -6.04 3.80 7.61
C14 RM0 E . -6.54 4.59 8.66
C15 RM0 E . -6.75 3.98 9.90
O16 RM0 E . -5.83 4.37 6.35
C17 RM0 E . -5.22 1.60 6.66
N18 RM0 E . -5.06 2.43 5.46
O19 RM0 E . -4.08 1.93 4.54
OH2 1PE F . -10.77 1.78 8.42
C12 1PE F . -9.72 2.74 8.51
C22 1PE F . -9.72 3.66 7.23
OH3 1PE F . -9.26 2.94 6.07
C13 1PE F . -7.84 3.02 4.09
C23 1PE F . -8.66 3.84 5.08
OH4 1PE F . -8.64 1.89 3.69
C14 1PE F . -8.88 -0.39 2.96
C24 1PE F . -7.92 0.68 3.51
OH5 1PE F . -9.16 -0.12 1.62
OH2 1PE G . -11.29 -19.70 29.09
C12 1PE G . -11.76 -18.43 28.66
C22 1PE G . -10.64 -17.75 27.80
OH3 1PE G . -11.27 -16.92 26.81
C13 1PE G . -10.64 -16.32 24.52
C23 1PE G . -11.16 -17.43 25.44
OH4 1PE G . -9.77 -15.44 25.28
C14 1PE G . -7.50 -15.53 26.00
C24 1PE G . -8.44 -15.29 24.82
OH5 1PE G . -6.44 -14.61 25.95
OH2 1PE H . -2.66 -6.69 -29.87
C12 1PE H . -1.44 -7.36 -30.22
C22 1PE H . -0.98 -8.25 -29.02
OH3 1PE H . -2.09 -9.04 -28.59
C13 1PE H . -3.08 -11.24 -28.76
C23 1PE H . -2.48 -10.08 -29.53
OH4 1PE H . -2.20 -12.37 -28.95
#